data_5VKL
#
_entry.id   5VKL
#
_cell.length_a   43.014
_cell.length_b   103.540
_cell.length_c   115.487
_cell.angle_alpha   90.000
_cell.angle_beta   90.000
_cell.angle_gamma   90.000
#
_symmetry.space_group_name_H-M   'C 2 2 21'
#
loop_
_entity.id
_entity.type
_entity.pdbx_description
1 polymer 'Transcription elongation factor SPT6'
2 polymer 'DNA-directed RNA polymerase II subunit RPB1'
3 water water
#
loop_
_entity_poly.entity_id
_entity_poly.type
_entity_poly.pdbx_seq_one_letter_code
_entity_poly.pdbx_strand_id
1 'polypeptide(L)'
;GIDPFTAKRTHRVINHPYYFPFNGRQAEDYLRSKERGEFVIRQSSRGDDHLVITWKLDKDLFQHIDIQELEKENPLALGK
VLIVDNQKYNDLDQIIVEYLQNKVRLLNEMTSSEKFKSGTKKDVVKFIEDYSRVNPNKSVYYFSLNHDNPGWFYLMFKIN
ANSKLYTWNVKLTNTGYFLVNYNYPSVIQLCNGFKTLLKSNSSKNRMNNYR
;
A
2 'polypeptide(L)' ESGLVNADLDVKDELMF(SEP)PLVDS B
#
# COMPACT_ATOMS: atom_id res chain seq x y z
N THR A 10 15.70 -25.17 16.15
CA THR A 10 15.70 -24.12 15.13
C THR A 10 14.46 -24.23 14.23
N HIS A 11 14.50 -25.15 13.26
CA HIS A 11 13.35 -25.46 12.42
C HIS A 11 12.08 -25.62 13.27
N ARG A 12 10.94 -25.22 12.70
CA ARG A 12 9.67 -25.25 13.41
C ARG A 12 8.59 -25.94 12.59
N VAL A 13 7.84 -26.85 13.22
CA VAL A 13 6.76 -27.57 12.55
C VAL A 13 5.47 -26.77 12.65
N ILE A 14 4.76 -26.65 11.53
CA ILE A 14 3.43 -26.07 11.49
C ILE A 14 2.61 -26.87 10.49
N ASN A 15 1.48 -27.42 10.93
CA ASN A 15 0.64 -28.30 10.11
C ASN A 15 -0.31 -27.48 9.25
N HIS A 16 0.17 -27.04 8.07
CA HIS A 16 -0.70 -26.24 7.22
C HIS A 16 -0.25 -26.29 5.77
N PRO A 17 -1.17 -26.29 4.80
CA PRO A 17 -0.79 -26.50 3.39
C PRO A 17 0.03 -25.38 2.78
N TYR A 18 0.03 -24.18 3.34
CA TYR A 18 0.88 -23.11 2.82
C TYR A 18 2.10 -22.86 3.69
N TYR A 19 2.41 -23.77 4.62
CA TYR A 19 3.59 -23.60 5.47
C TYR A 19 4.81 -24.23 4.82
N PHE A 20 5.88 -23.47 4.72
CA PHE A 20 7.12 -23.92 4.10
C PHE A 20 8.30 -23.64 5.01
N PRO A 21 9.38 -24.50 4.94
CA PRO A 21 10.59 -24.30 5.76
C PRO A 21 11.60 -23.41 5.04
N PHE A 22 11.29 -22.11 5.02
CA PHE A 22 12.00 -21.14 4.21
C PHE A 22 12.43 -19.98 5.07
N ASN A 23 13.58 -19.39 4.74
CA ASN A 23 13.87 -18.06 5.20
C ASN A 23 13.23 -17.05 4.26
N GLY A 24 13.44 -15.76 4.54
CA GLY A 24 12.86 -14.72 3.70
C GLY A 24 13.25 -14.83 2.24
N ARG A 25 14.53 -15.11 1.97
CA ARG A 25 15.02 -15.15 0.59
C ARG A 25 14.42 -16.32 -0.17
N GLN A 26 14.42 -17.50 0.44
CA GLN A 26 13.93 -18.67 -0.25
C GLN A 26 12.45 -18.53 -0.55
N ALA A 27 11.71 -17.91 0.37
CA ALA A 27 10.30 -17.64 0.13
C ALA A 27 10.12 -16.75 -1.11
N GLU A 28 10.96 -15.74 -1.26
CA GLU A 28 10.89 -14.91 -2.45
C GLU A 28 11.26 -15.70 -3.70
N ASP A 29 12.37 -16.44 -3.65
CA ASP A 29 12.76 -17.25 -4.81
C ASP A 29 11.65 -18.22 -5.18
N TYR A 30 11.05 -18.87 -4.18
CA TYR A 30 9.92 -19.76 -4.45
C TYR A 30 8.79 -19.01 -5.17
N LEU A 31 8.45 -17.83 -4.69
CA LEU A 31 7.34 -17.08 -5.26
C LEU A 31 7.68 -16.43 -6.59
N ARG A 32 8.96 -16.37 -6.97
CA ARG A 32 9.35 -15.58 -8.14
C ARG A 32 8.61 -16.03 -9.40
N SER A 33 8.25 -17.30 -9.47
CA SER A 33 7.56 -17.87 -10.63
C SER A 33 6.04 -17.85 -10.50
N LYS A 34 5.52 -17.64 -9.30
CA LYS A 34 4.09 -17.68 -9.07
C LYS A 34 3.45 -16.36 -9.49
N GLU A 35 2.14 -16.28 -9.32
CA GLU A 35 1.34 -15.13 -9.71
C GLU A 35 1.13 -14.20 -8.52
N ARG A 36 0.62 -13.01 -8.79
CA ARG A 36 0.31 -12.07 -7.72
C ARG A 36 -0.68 -12.68 -6.74
N GLY A 37 -0.51 -12.34 -5.46
CA GLY A 37 -1.37 -12.86 -4.43
C GLY A 37 -0.96 -14.19 -3.86
N GLU A 38 -0.11 -14.94 -4.55
CA GLU A 38 0.36 -16.21 -4.00
C GLU A 38 1.35 -15.90 -2.90
N PHE A 39 1.47 -16.83 -1.96
CA PHE A 39 2.12 -16.55 -0.69
C PHE A 39 2.62 -17.86 -0.08
N VAL A 40 3.47 -17.72 0.93
CA VAL A 40 3.78 -18.84 1.82
C VAL A 40 3.71 -18.33 3.25
N ILE A 41 3.55 -19.27 4.18
CA ILE A 41 3.67 -19.01 5.61
C ILE A 41 4.93 -19.72 6.09
N ARG A 42 5.76 -19.01 6.86
CA ARG A 42 7.06 -19.52 7.27
C ARG A 42 7.35 -19.05 8.68
N GLN A 43 8.40 -19.61 9.26
CA GLN A 43 8.76 -19.23 10.61
C GLN A 43 9.48 -17.88 10.62
N SER A 44 9.32 -17.17 11.73
CA SER A 44 9.92 -15.87 11.95
C SER A 44 11.30 -16.00 12.57
N SER A 45 12.15 -15.04 12.27
CA SER A 45 13.45 -14.92 12.91
C SER A 45 13.35 -14.31 14.31
N ARG A 46 12.13 -13.99 14.75
CA ARG A 46 11.89 -13.29 16.00
C ARG A 46 11.40 -14.22 17.11
N GLY A 47 11.53 -15.52 16.96
CA GLY A 47 11.20 -16.44 18.02
C GLY A 47 9.98 -17.30 17.70
N ASP A 48 9.69 -18.20 18.64
CA ASP A 48 8.66 -19.20 18.43
C ASP A 48 7.26 -18.68 18.65
N ASP A 49 7.07 -17.41 18.99
CA ASP A 49 5.73 -16.86 19.05
C ASP A 49 5.43 -15.93 17.87
N HIS A 50 6.13 -16.10 16.74
CA HIS A 50 5.90 -15.31 15.53
C HIS A 50 6.00 -16.19 14.29
N LEU A 51 5.22 -15.83 13.28
CA LEU A 51 5.34 -16.41 11.96
C LEU A 51 5.34 -15.27 10.96
N VAL A 52 5.62 -15.58 9.70
CA VAL A 52 5.62 -14.60 8.64
C VAL A 52 4.78 -15.13 7.48
N ILE A 53 3.97 -14.26 6.88
CA ILE A 53 3.41 -14.47 5.56
C ILE A 53 4.20 -13.65 4.55
N THR A 54 4.72 -14.32 3.53
CA THR A 54 5.40 -13.67 2.42
C THR A 54 4.50 -13.82 1.20
N TRP A 55 4.13 -12.69 0.57
CA TRP A 55 3.27 -12.76 -0.61
C TRP A 55 3.82 -11.87 -1.71
N LYS A 56 3.43 -12.19 -2.94
CA LYS A 56 3.96 -11.54 -4.13
C LYS A 56 2.97 -10.52 -4.65
N LEU A 57 3.39 -9.24 -4.69
CA LEU A 57 2.60 -8.14 -5.25
C LEU A 57 2.83 -7.98 -6.75
N ASP A 58 4.07 -8.12 -7.21
CA ASP A 58 4.44 -7.90 -8.61
C ASP A 58 5.79 -8.56 -8.85
N LYS A 59 6.29 -8.46 -10.08
CA LYS A 59 7.60 -9.01 -10.41
C LYS A 59 8.66 -8.47 -9.45
N ASP A 60 9.36 -9.36 -8.78
CA ASP A 60 10.42 -8.94 -7.87
C ASP A 60 9.93 -8.12 -6.68
N LEU A 61 8.63 -8.13 -6.40
CA LEU A 61 8.07 -7.30 -5.34
C LEU A 61 7.32 -8.20 -4.37
N PHE A 62 7.83 -8.31 -3.15
CA PHE A 62 7.24 -9.16 -2.15
C PHE A 62 7.12 -8.39 -0.85
N GLN A 63 6.11 -8.73 -0.07
CA GLN A 63 5.94 -8.19 1.27
C GLN A 63 5.96 -9.32 2.30
N HIS A 64 6.54 -9.03 3.47
CA HIS A 64 6.63 -9.97 4.59
C HIS A 64 5.83 -9.42 5.76
N ILE A 65 4.80 -10.15 6.17
CA ILE A 65 3.89 -9.69 7.20
C ILE A 65 4.14 -10.48 8.46
N ASP A 66 4.37 -9.78 9.58
CA ASP A 66 4.53 -10.44 10.86
C ASP A 66 3.20 -10.96 11.36
N ILE A 67 3.21 -12.21 11.86
CA ILE A 67 2.09 -12.78 12.60
C ILE A 67 2.54 -12.98 14.04
N GLN A 68 1.83 -12.36 14.98
CA GLN A 68 2.09 -12.55 16.41
C GLN A 68 1.16 -13.59 17.00
N GLU A 69 1.72 -14.53 17.75
CA GLU A 69 0.95 -15.64 18.32
C GLU A 69 0.65 -15.40 19.79
N LEU A 70 -0.62 -15.57 20.16
CA LEU A 70 -1.03 -15.53 21.55
C LEU A 70 -1.71 -16.84 21.89
N GLU A 71 -1.86 -17.11 23.18
CA GLU A 71 -2.56 -18.30 23.64
C GLU A 71 -1.91 -19.58 23.10
N LYS A 72 -0.61 -19.73 23.34
CA LYS A 72 0.13 -20.90 22.86
C LYS A 72 0.12 -22.00 23.91
N GLU A 73 -0.27 -23.21 23.51
CA GLU A 73 -0.43 -24.30 24.46
C GLU A 73 0.92 -24.79 24.99
N ASN A 74 1.95 -24.76 24.17
CA ASN A 74 3.32 -24.95 24.62
C ASN A 74 4.22 -24.13 23.73
N PRO A 75 5.51 -24.03 24.05
CA PRO A 75 6.39 -23.09 23.34
C PRO A 75 6.38 -23.21 21.82
N LEU A 76 6.21 -24.41 21.28
CA LEU A 76 6.28 -24.61 19.84
C LEU A 76 4.94 -24.60 19.13
N ALA A 77 3.84 -24.81 19.85
CA ALA A 77 2.53 -24.88 19.22
C ALA A 77 2.14 -23.55 18.58
N LEU A 78 1.23 -23.62 17.63
CA LEU A 78 0.70 -22.43 16.97
C LEU A 78 -0.30 -21.75 17.90
N GLY A 79 -0.06 -20.48 18.22
CA GLY A 79 -1.01 -19.76 19.05
C GLY A 79 -2.46 -19.96 18.62
N LYS A 80 -3.38 -20.09 19.58
CA LYS A 80 -4.80 -20.18 19.26
C LYS A 80 -5.40 -18.83 18.87
N VAL A 81 -4.65 -17.74 19.02
CA VAL A 81 -5.07 -16.40 18.63
C VAL A 81 -3.88 -15.78 17.92
N LEU A 82 -4.12 -15.18 16.75
CA LEU A 82 -3.05 -14.63 15.92
C LEU A 82 -3.34 -13.17 15.61
N ILE A 83 -2.31 -12.33 15.69
CA ILE A 83 -2.42 -10.89 15.49
C ILE A 83 -1.67 -10.54 14.21
N VAL A 84 -2.38 -10.01 13.23
CA VAL A 84 -1.80 -9.44 12.03
C VAL A 84 -2.20 -7.97 11.97
N ASP A 85 -1.21 -7.09 11.87
CA ASP A 85 -1.46 -5.66 11.76
C ASP A 85 -2.49 -5.20 12.81
N ASN A 86 -2.27 -5.63 14.05
CA ASN A 86 -3.08 -5.17 15.17
C ASN A 86 -4.55 -5.57 15.04
N GLN A 87 -4.85 -6.68 14.35
CA GLN A 87 -6.19 -7.24 14.28
C GLN A 87 -6.11 -8.72 14.65
N LYS A 88 -7.06 -9.20 15.48
CA LYS A 88 -7.06 -10.58 15.98
C LYS A 88 -7.77 -11.52 15.02
N TYR A 89 -7.15 -12.68 14.78
CA TYR A 89 -7.66 -13.74 13.94
C TYR A 89 -7.56 -15.06 14.70
N ASN A 90 -8.38 -16.05 14.31
CA ASN A 90 -8.41 -17.31 15.03
C ASN A 90 -7.43 -18.33 14.50
N ASP A 91 -7.12 -18.30 13.21
CA ASP A 91 -6.31 -19.35 12.61
C ASP A 91 -5.73 -18.81 11.31
N LEU A 92 -4.80 -19.58 10.74
CA LEU A 92 -4.14 -19.16 9.51
C LEU A 92 -5.13 -18.99 8.37
N ASP A 93 -6.18 -19.83 8.32
CA ASP A 93 -7.10 -19.76 7.18
C ASP A 93 -7.91 -18.48 7.23
N GLN A 94 -8.32 -18.07 8.43
CA GLN A 94 -8.98 -16.79 8.57
C GLN A 94 -8.07 -15.65 8.11
N ILE A 95 -6.78 -15.73 8.41
CA ILE A 95 -5.87 -14.70 7.93
C ILE A 95 -5.87 -14.68 6.40
N ILE A 96 -5.79 -15.86 5.76
CA ILE A 96 -5.70 -15.89 4.30
C ILE A 96 -6.94 -15.28 3.66
N VAL A 97 -8.11 -15.58 4.22
CA VAL A 97 -9.37 -15.21 3.57
C VAL A 97 -9.74 -13.76 3.86
N GLU A 98 -9.56 -13.32 5.09
CA GLU A 98 -10.06 -12.02 5.52
C GLU A 98 -9.01 -10.94 5.51
N TYR A 99 -7.73 -11.29 5.70
CA TYR A 99 -6.65 -10.33 5.61
C TYR A 99 -5.98 -10.35 4.23
N LEU A 100 -5.38 -11.48 3.87
CA LEU A 100 -4.56 -11.50 2.65
C LEU A 100 -5.42 -11.31 1.41
N GLN A 101 -6.50 -12.08 1.28
CA GLN A 101 -7.29 -12.03 0.06
C GLN A 101 -7.81 -10.61 -0.17
N ASN A 102 -8.19 -9.93 0.91
CA ASN A 102 -8.65 -8.56 0.74
C ASN A 102 -7.52 -7.62 0.36
N LYS A 103 -6.31 -7.87 0.88
CA LYS A 103 -5.18 -7.04 0.47
C LYS A 103 -4.88 -7.23 -1.00
N VAL A 104 -5.04 -8.45 -1.49
CA VAL A 104 -4.84 -8.71 -2.91
C VAL A 104 -5.93 -8.06 -3.74
N ARG A 105 -7.18 -8.15 -3.26
CA ARG A 105 -8.30 -7.55 -3.96
C ARG A 105 -8.01 -6.08 -4.19
N LEU A 106 -7.62 -5.39 -3.12
CA LEU A 106 -7.40 -3.95 -3.15
C LEU A 106 -6.17 -3.58 -3.97
N LEU A 107 -5.14 -4.45 -4.02
CA LEU A 107 -4.02 -4.21 -4.92
C LEU A 107 -4.47 -4.24 -6.38
N ASN A 108 -5.29 -5.22 -6.74
CA ASN A 108 -5.81 -5.33 -8.11
C ASN A 108 -6.71 -4.16 -8.46
N GLU A 109 -7.53 -3.71 -7.50
CA GLU A 109 -8.37 -2.55 -7.75
C GLU A 109 -7.51 -1.32 -8.07
N MET A 110 -6.38 -1.19 -7.37
CA MET A 110 -5.51 -0.05 -7.62
C MET A 110 -4.80 -0.17 -8.96
N THR A 111 -4.21 -1.34 -9.26
CA THR A 111 -3.47 -1.46 -10.52
C THR A 111 -4.40 -1.51 -11.73
N SER A 112 -5.70 -1.76 -11.53
CA SER A 112 -6.66 -1.72 -12.63
C SER A 112 -7.24 -0.33 -12.86
N SER A 113 -6.91 0.62 -11.99
CA SER A 113 -7.49 1.95 -12.04
C SER A 113 -6.85 2.73 -13.18
N GLU A 114 -7.65 3.54 -13.86
CA GLU A 114 -7.03 4.38 -14.88
C GLU A 114 -6.13 5.45 -14.28
N LYS A 115 -6.20 5.67 -12.95
CA LYS A 115 -5.28 6.59 -12.30
C LYS A 115 -3.94 5.95 -11.95
N PHE A 116 -3.76 4.66 -12.21
CA PHE A 116 -2.53 3.94 -11.87
C PHE A 116 -1.65 3.80 -13.10
N LYS A 117 -0.36 4.10 -12.95
CA LYS A 117 0.63 3.93 -14.03
C LYS A 117 1.62 2.82 -13.68
N SER A 118 1.87 1.93 -14.62
CA SER A 118 2.87 0.92 -14.36
C SER A 118 4.25 1.52 -14.60
N GLY A 119 5.26 0.89 -14.03
CA GLY A 119 6.64 1.28 -14.26
C GLY A 119 7.32 1.70 -12.98
N THR A 120 8.57 2.15 -13.14
CA THR A 120 9.38 2.62 -12.02
C THR A 120 8.99 4.03 -11.61
N LYS A 121 9.32 4.36 -10.36
CA LYS A 121 9.21 5.73 -9.90
C LYS A 121 9.70 6.69 -10.97
N LYS A 122 10.90 6.41 -11.49
CA LYS A 122 11.52 7.25 -12.51
C LYS A 122 10.68 7.30 -13.80
N ASP A 123 10.16 6.15 -14.25
CA ASP A 123 9.32 6.13 -15.44
C ASP A 123 8.07 6.99 -15.24
N VAL A 124 7.47 6.90 -14.06
CA VAL A 124 6.21 7.57 -13.84
C VAL A 124 6.40 9.07 -13.60
N VAL A 125 7.50 9.47 -12.96
CA VAL A 125 7.86 10.88 -12.90
C VAL A 125 7.98 11.45 -14.31
N LYS A 126 8.58 10.68 -15.22
CA LYS A 126 8.73 11.15 -16.60
C LYS A 126 7.36 11.34 -17.25
N PHE A 127 6.47 10.35 -17.09
CA PHE A 127 5.13 10.47 -17.68
C PHE A 127 4.37 11.66 -17.11
N ILE A 128 4.35 11.81 -15.80
CA ILE A 128 3.60 12.91 -15.21
C ILE A 128 4.20 14.25 -15.61
N GLU A 129 5.54 14.36 -15.65
CA GLU A 129 6.15 15.61 -16.13
C GLU A 129 5.79 15.88 -17.59
N ASP A 130 5.80 14.85 -18.43
CA ASP A 130 5.41 15.03 -19.84
C ASP A 130 3.95 15.43 -19.93
N TYR A 131 3.08 14.67 -19.27
CA TYR A 131 1.65 14.92 -19.32
C TYR A 131 1.29 16.27 -18.72
N SER A 132 2.08 16.73 -17.74
CA SER A 132 1.91 18.08 -17.22
C SER A 132 2.27 19.13 -18.27
N ARG A 133 3.21 18.81 -19.16
CA ARG A 133 3.60 19.75 -20.19
C ARG A 133 2.48 19.96 -21.20
N VAL A 134 1.95 18.86 -21.75
CA VAL A 134 0.93 18.95 -22.79
C VAL A 134 -0.45 19.31 -22.25
N ASN A 135 -0.59 19.54 -20.94
CA ASN A 135 -1.85 19.98 -20.34
C ASN A 135 -1.54 20.96 -19.22
N PRO A 136 -1.03 22.16 -19.57
CA PRO A 136 -0.36 22.99 -18.55
C PRO A 136 -1.30 23.68 -17.56
N ASN A 137 -2.60 23.79 -17.84
CA ASN A 137 -3.51 24.43 -16.90
C ASN A 137 -4.36 23.41 -16.13
N LYS A 138 -3.82 22.23 -15.89
CA LYS A 138 -4.55 21.15 -15.22
C LYS A 138 -3.72 20.61 -14.07
N SER A 139 -4.40 20.25 -13.00
CA SER A 139 -3.75 19.53 -11.91
C SER A 139 -3.80 18.04 -12.22
N VAL A 140 -2.65 17.39 -12.13
CA VAL A 140 -2.50 16.00 -12.55
C VAL A 140 -1.95 15.16 -11.41
N TYR A 141 -2.46 13.95 -11.29
CA TYR A 141 -1.95 13.02 -10.29
C TYR A 141 -2.06 11.61 -10.85
N TYR A 142 -1.18 10.75 -10.38
CA TYR A 142 -1.24 9.33 -10.70
C TYR A 142 -0.67 8.54 -9.55
N PHE A 143 -1.11 7.29 -9.45
CA PHE A 143 -0.55 6.36 -8.49
C PHE A 143 0.42 5.45 -9.23
N SER A 144 1.42 4.96 -8.51
CA SER A 144 2.28 3.91 -9.02
C SER A 144 2.80 3.09 -7.86
N LEU A 145 3.46 1.99 -8.18
CA LEU A 145 3.98 1.08 -7.16
C LEU A 145 5.29 1.59 -6.58
N ASN A 146 5.38 1.58 -5.25
CA ASN A 146 6.64 1.86 -4.56
C ASN A 146 7.43 0.56 -4.50
N HIS A 147 8.45 0.42 -5.34
CA HIS A 147 9.20 -0.82 -5.37
C HIS A 147 10.21 -0.92 -4.25
N ASP A 148 10.55 0.20 -3.61
CA ASP A 148 11.49 0.19 -2.51
C ASP A 148 10.84 0.00 -1.15
N ASN A 149 9.50 0.09 -1.05
CA ASN A 149 8.78 -0.16 0.19
C ASN A 149 7.57 -1.03 -0.14
N PRO A 150 7.77 -2.34 -0.19
CA PRO A 150 6.67 -3.25 -0.56
C PRO A 150 5.40 -2.97 0.23
N GLY A 151 4.29 -2.84 -0.48
CA GLY A 151 3.02 -2.55 0.16
C GLY A 151 2.59 -1.10 0.10
N TRP A 152 3.37 -0.22 -0.52
CA TRP A 152 3.01 1.19 -0.64
C TRP A 152 2.87 1.56 -2.10
N PHE A 153 2.04 2.58 -2.36
CA PHE A 153 1.94 3.21 -3.67
C PHE A 153 2.49 4.61 -3.59
N TYR A 154 3.04 5.11 -4.70
CA TYR A 154 3.29 6.54 -4.77
C TYR A 154 2.03 7.26 -5.25
N LEU A 155 1.83 8.47 -4.73
CA LEU A 155 0.79 9.35 -5.22
C LEU A 155 1.48 10.65 -5.64
N MET A 156 1.72 10.79 -6.94
CA MET A 156 2.47 11.91 -7.49
C MET A 156 1.53 12.93 -8.13
N PHE A 157 1.80 14.21 -7.92
CA PHE A 157 0.94 15.21 -8.55
C PHE A 157 1.66 16.54 -8.80
N LYS A 158 1.12 17.28 -9.77
CA LYS A 158 1.47 18.67 -10.03
C LYS A 158 0.20 19.50 -10.09
N ILE A 159 0.31 20.75 -9.61
CA ILE A 159 -0.82 21.68 -9.69
C ILE A 159 -0.98 22.20 -11.10
N ASN A 160 0.13 22.47 -11.78
CA ASN A 160 0.13 23.00 -13.14
C ASN A 160 1.51 22.74 -13.74
N ALA A 161 1.71 23.20 -14.96
CA ALA A 161 2.95 22.92 -15.67
C ALA A 161 4.18 23.42 -14.91
N ASN A 162 4.04 24.52 -14.16
CA ASN A 162 5.21 25.16 -13.55
C ASN A 162 5.35 24.89 -12.06
N SER A 163 4.39 24.22 -11.42
CA SER A 163 4.60 23.83 -10.02
C SER A 163 5.65 22.73 -9.94
N LYS A 164 6.16 22.53 -8.73
CA LYS A 164 7.08 21.42 -8.55
C LYS A 164 6.30 20.12 -8.45
N LEU A 165 7.02 19.00 -8.45
CA LEU A 165 6.38 17.69 -8.42
C LEU A 165 6.34 17.21 -6.98
N TYR A 166 5.15 16.85 -6.53
CA TYR A 166 4.94 16.42 -5.16
C TYR A 166 4.72 14.92 -5.15
N THR A 167 5.28 14.24 -4.14
CA THR A 167 5.09 12.81 -3.99
C THR A 167 4.55 12.54 -2.59
N TRP A 168 3.40 11.88 -2.54
CA TRP A 168 2.79 11.43 -1.30
C TRP A 168 2.76 9.91 -1.27
N ASN A 169 2.37 9.37 -0.13
CA ASN A 169 2.54 7.94 0.11
C ASN A 169 1.23 7.34 0.59
N VAL A 170 0.80 6.29 -0.09
CA VAL A 170 -0.45 5.60 0.16
C VAL A 170 -0.11 4.18 0.55
N LYS A 171 -0.51 3.76 1.75
CA LYS A 171 -0.22 2.41 2.22
C LYS A 171 -1.41 1.49 1.94
N LEU A 172 -1.14 0.37 1.27
CA LEU A 172 -2.13 -0.68 1.11
C LEU A 172 -2.41 -1.32 2.46
N THR A 173 -3.69 -1.45 2.81
CA THR A 173 -4.10 -2.20 3.99
C THR A 173 -5.15 -3.22 3.57
N ASN A 174 -5.47 -4.15 4.48
CA ASN A 174 -6.51 -5.11 4.15
C ASN A 174 -7.90 -4.50 4.07
N THR A 175 -8.11 -3.27 4.54
CA THR A 175 -9.43 -2.65 4.44
C THR A 175 -9.45 -1.38 3.60
N GLY A 176 -8.38 -1.04 2.91
CA GLY A 176 -8.44 0.14 2.07
C GLY A 176 -7.05 0.71 1.87
N TYR A 177 -7.03 2.00 1.53
CA TYR A 177 -5.81 2.70 1.15
C TYR A 177 -5.57 3.80 2.15
N PHE A 178 -4.43 3.75 2.86
CA PHE A 178 -4.17 4.70 3.92
C PHE A 178 -3.38 5.89 3.40
N LEU A 179 -3.95 7.10 3.50
CA LEU A 179 -3.32 8.32 3.04
C LEU A 179 -3.47 9.38 4.13
N VAL A 180 -2.34 9.76 4.74
CA VAL A 180 -2.24 10.81 5.75
C VAL A 180 -2.77 10.33 7.10
N ASN A 181 -4.08 10.19 7.25
CA ASN A 181 -4.62 9.61 8.48
C ASN A 181 -6.04 9.09 8.30
N TYR A 182 -6.37 8.58 7.12
CA TYR A 182 -7.65 7.94 6.87
C TYR A 182 -7.44 6.78 5.92
N ASN A 183 -8.24 5.74 6.13
CA ASN A 183 -8.17 4.48 5.39
C ASN A 183 -9.37 4.46 4.45
N TYR A 184 -9.13 4.79 3.18
CA TYR A 184 -10.18 4.92 2.17
C TYR A 184 -10.54 3.53 1.64
N PRO A 185 -11.82 3.18 1.58
CA PRO A 185 -12.19 1.79 1.27
C PRO A 185 -12.10 1.42 -0.19
N SER A 186 -11.96 2.39 -1.09
CA SER A 186 -11.81 2.11 -2.51
C SER A 186 -10.91 3.17 -3.11
N VAL A 187 -10.47 2.89 -4.34
CA VAL A 187 -9.65 3.85 -5.08
C VAL A 187 -10.44 5.12 -5.38
N ILE A 188 -11.71 4.96 -5.79
CA ILE A 188 -12.55 6.12 -6.09
C ILE A 188 -12.63 7.04 -4.87
N GLN A 189 -12.83 6.48 -3.68
CA GLN A 189 -12.89 7.30 -2.47
C GLN A 189 -11.53 7.85 -2.10
N LEU A 190 -10.46 7.13 -2.43
CA LEU A 190 -9.10 7.67 -2.25
C LEU A 190 -8.90 8.92 -3.08
N CYS A 191 -9.25 8.85 -4.36
CA CYS A 191 -9.05 10.02 -5.23
C CYS A 191 -9.85 11.21 -4.74
N ASN A 192 -11.11 10.97 -4.34
CA ASN A 192 -11.97 12.05 -3.84
C ASN A 192 -11.44 12.65 -2.55
N GLY A 193 -10.92 11.81 -1.66
CA GLY A 193 -10.34 12.32 -0.43
C GLY A 193 -9.04 13.06 -0.67
N PHE A 194 -8.18 12.52 -1.53
CA PHE A 194 -6.98 13.25 -1.92
C PHE A 194 -7.33 14.66 -2.39
N LYS A 195 -8.26 14.77 -3.35
CA LYS A 195 -8.67 16.08 -3.87
C LYS A 195 -9.22 16.96 -2.75
N THR A 196 -10.11 16.41 -1.92
CA THR A 196 -10.70 17.18 -0.83
C THR A 196 -9.64 17.64 0.15
N LEU A 197 -8.68 16.77 0.46
CA LEU A 197 -7.60 17.14 1.37
C LEU A 197 -6.77 18.30 0.80
N LEU A 198 -6.43 18.23 -0.49
CA LEU A 198 -5.64 19.30 -1.09
C LEU A 198 -6.42 20.62 -1.08
N LYS A 199 -7.70 20.58 -1.42
CA LYS A 199 -8.51 21.79 -1.33
C LYS A 199 -8.53 22.33 0.10
N SER A 200 -8.55 21.44 1.09
CA SER A 200 -8.56 21.93 2.46
C SER A 200 -7.23 22.59 2.81
N ASN A 201 -6.11 21.94 2.48
CA ASN A 201 -4.81 22.57 2.71
C ASN A 201 -4.71 23.89 1.95
N SER A 202 -5.13 23.90 0.68
CA SER A 202 -4.98 25.07 -0.17
C SER A 202 -5.75 26.25 0.40
N SER A 203 -6.98 26.02 0.84
CA SER A 203 -7.77 27.09 1.46
C SER A 203 -7.10 27.61 2.73
N LYS A 204 -6.58 26.71 3.57
CA LYS A 204 -5.83 27.16 4.75
C LYS A 204 -4.67 28.05 4.35
N ASN A 205 -3.81 27.58 3.45
CA ASN A 205 -2.65 28.35 3.00
C ASN A 205 -3.01 29.75 2.52
N ARG A 206 -4.25 29.96 2.07
CA ARG A 206 -4.69 31.26 1.58
C ARG A 206 -5.48 32.04 2.62
N MET A 207 -5.33 31.70 3.89
CA MET A 207 -6.03 32.40 4.95
C MET A 207 -5.24 33.60 5.43
N ASN A 208 -5.95 34.51 6.09
CA ASN A 208 -5.36 35.72 6.67
C ASN A 208 -5.27 35.51 8.18
N ASN A 209 -4.10 35.06 8.64
CA ASN A 209 -3.83 34.86 10.06
C ASN A 209 -3.77 36.16 10.86
N TYR A 210 -3.77 37.31 10.18
CA TYR A 210 -3.71 38.62 10.81
C TYR A 210 -5.07 39.33 10.70
N ARG A 211 -6.13 38.55 10.83
CA ARG A 211 -7.53 38.96 10.80
C ARG A 211 -7.95 39.70 12.07
N LEU B 4 9.15 7.88 4.55
CA LEU B 4 7.91 7.96 3.79
C LEU B 4 7.05 9.16 4.20
N VAL B 5 7.60 10.37 4.10
CA VAL B 5 6.91 11.58 4.55
C VAL B 5 6.16 12.23 3.39
N ASN B 6 5.03 12.85 3.71
CA ASN B 6 4.19 13.55 2.72
C ASN B 6 4.56 15.04 2.70
N ALA B 7 5.25 15.47 1.64
CA ALA B 7 5.65 16.86 1.49
C ALA B 7 4.44 17.79 1.56
N ASP B 8 4.58 18.87 2.33
CA ASP B 8 3.48 19.80 2.55
C ASP B 8 3.14 20.58 1.28
N LEU B 9 1.84 20.72 1.00
CA LEU B 9 1.37 21.63 -0.03
C LEU B 9 1.62 23.07 0.43
N ASP B 10 2.41 23.81 -0.35
CA ASP B 10 3.01 25.05 0.13
C ASP B 10 2.66 26.30 -0.67
N VAL B 11 2.06 26.18 -1.85
CA VAL B 11 1.80 27.36 -2.68
C VAL B 11 0.34 27.78 -2.58
N LYS B 12 -0.01 28.88 -3.24
CA LYS B 12 -1.39 29.32 -3.36
C LYS B 12 -1.96 29.05 -4.76
N ASP B 13 -1.21 28.36 -5.62
CA ASP B 13 -1.71 27.99 -6.94
C ASP B 13 -3.11 27.41 -6.86
N GLU B 14 -4.01 27.93 -7.70
CA GLU B 14 -5.35 27.38 -7.77
C GLU B 14 -5.31 25.92 -8.17
N LEU B 15 -6.05 25.07 -7.43
CA LEU B 15 -6.13 23.65 -7.76
C LEU B 15 -7.12 23.45 -8.89
N MET B 16 -6.70 22.68 -9.90
CA MET B 16 -7.51 22.43 -11.10
C MET B 16 -7.58 20.93 -11.36
N PHE B 17 -8.00 20.18 -10.35
CA PHE B 17 -8.10 18.75 -10.54
C PHE B 17 -9.33 18.41 -11.37
N SEP B 18 -9.31 17.19 -11.95
CA SEP B 18 -10.46 16.62 -12.62
CB SEP B 18 -10.08 15.28 -13.26
OG SEP B 18 -10.24 14.23 -12.31
C SEP B 18 -11.57 16.45 -11.58
O SEP B 18 -11.32 16.41 -10.38
P SEP B 18 -9.27 12.95 -12.52
O1P SEP B 18 -9.75 12.06 -13.77
O2P SEP B 18 -9.40 12.09 -11.15
O3P SEP B 18 -7.74 13.40 -12.70
N PRO B 19 -12.82 16.38 -12.04
CA PRO B 19 -13.97 16.38 -11.11
C PRO B 19 -14.00 15.18 -10.19
N LEU B 20 -14.61 15.34 -9.01
CA LEU B 20 -14.75 14.19 -8.14
C LEU B 20 -15.68 13.16 -8.79
N VAL B 21 -15.52 11.91 -8.38
CA VAL B 21 -16.22 10.79 -9.00
C VAL B 21 -17.23 10.22 -8.00
N ASP B 22 -18.37 9.80 -8.49
CA ASP B 22 -19.29 9.04 -7.67
C ASP B 22 -18.73 7.64 -7.43
N SER B 23 -19.37 6.91 -6.52
CA SER B 23 -19.04 5.51 -6.32
C SER B 23 -20.23 4.63 -6.66
#